data_6APC
#
_entry.id   6APC
#
_cell.length_a   61.230
_cell.length_b   66.530
_cell.length_c   125.950
_cell.angle_alpha   90.000
_cell.angle_beta   90.000
_cell.angle_gamma   90.000
#
_symmetry.space_group_name_H-M   'P 21 21 21'
#
loop_
_entity.id
_entity.type
_entity.pdbx_description
1 polymer 'Epididymis luminal protein 214'
2 polymer 'IGL@ protein'
3 non-polymer 'SULFATE ION'
4 water water
#
loop_
_entity_poly.entity_id
_entity_poly.type
_entity_poly.pdbx_seq_one_letter_code
_entity_poly.pdbx_strand_id
1 'polypeptide(L)'
;EVQLVESGGGLVKPGGSLRLSCAASGFTFSSYSMNWVRQAPGKGLEWVSSISSSSSYIYYADSVKGRFTISRDNAKNSLY
LQMNSLRAEDTAVYYCARLGYCSGGSCHFDYWGQGTLVTVSSASTKGPSVFPLAPSSKSTSGGTAALGCLVKDYFPEPVT
VSWNSGALTSGVHTFPAVLQSSGLYSLSSVVTVPSSSLGTQTYICNVNHKPSNTKVDKKVEPKSCD
;
H
2 'polypeptide(L)'
;QSVLTQPPSVSGAPGQRVTISCTGSSSNIGAGYDVHWYQQLPGTAPKLLIYGNSNRPSGVPDRFSGSKSGTSASLAITGL
QAEDEADYYCQSYDSSLSGFYVFGTGTKVTVLGQPKAAPSVTLFPPSSEELQANKATLVCLISDFYPGAVTVAWKADSSP
VKAGVETTTPSKQSNNKYAASSYLSLTPEQWKSHRSYSCQVTHEGSTVEKTVAPTECS
;
L
#
loop_
_chem_comp.id
_chem_comp.type
_chem_comp.name
_chem_comp.formula
SO4 non-polymer 'SULFATE ION' 'O4 S -2'
#
# COMPACT_ATOMS: atom_id res chain seq x y z
N GLU A 1 17.80 28.67 4.05
CA GLU A 1 16.53 28.00 3.80
C GLU A 1 16.21 27.01 4.92
N VAL A 2 14.95 26.62 5.04
CA VAL A 2 14.54 25.64 6.03
C VAL A 2 15.11 24.28 5.67
N GLN A 3 15.76 23.63 6.64
CA GLN A 3 16.31 22.30 6.45
C GLN A 3 15.90 21.41 7.61
N LEU A 4 15.51 20.19 7.28
CA LEU A 4 15.22 19.13 8.25
C LEU A 4 15.99 17.90 7.80
N VAL A 5 16.83 17.36 8.67
CA VAL A 5 17.72 16.25 8.31
C VAL A 5 17.54 15.14 9.33
N GLU A 6 16.96 14.02 8.90
CA GLU A 6 16.69 12.89 9.79
C GLU A 6 17.88 11.94 9.83
N SER A 7 18.01 11.25 10.96
CA SER A 7 19.00 10.20 11.13
C SER A 7 18.49 9.20 12.16
N GLY A 8 19.21 8.11 12.31
CA GLY A 8 18.92 7.13 13.34
C GLY A 8 18.21 5.89 12.86
N GLY A 9 17.78 5.85 11.60
CA GLY A 9 17.19 4.64 11.05
C GLY A 9 18.21 3.52 10.96
N GLY A 10 17.71 2.37 10.54
CA GLY A 10 18.58 1.23 10.37
C GLY A 10 17.76 -0.05 10.31
N LEU A 11 18.48 -1.16 10.44
CA LEU A 11 17.92 -2.50 10.35
C LEU A 11 17.90 -3.10 11.75
N VAL A 12 16.71 -3.50 12.21
CA VAL A 12 16.53 -4.04 13.55
C VAL A 12 15.63 -5.26 13.48
N LYS A 13 15.72 -6.09 14.52
CA LYS A 13 14.85 -7.26 14.62
C LYS A 13 13.57 -6.90 15.36
N PRO A 14 12.50 -7.66 15.14
CA PRO A 14 11.27 -7.42 15.90
C PRO A 14 11.52 -7.48 17.40
N GLY A 15 10.90 -6.54 18.12
CA GLY A 15 11.16 -6.35 19.52
C GLY A 15 12.28 -5.38 19.85
N GLY A 16 13.08 -4.99 18.85
CA GLY A 16 14.19 -4.09 19.07
C GLY A 16 13.74 -2.65 19.22
N SER A 17 14.74 -1.77 19.32
CA SER A 17 14.53 -0.35 19.54
C SER A 17 15.38 0.48 18.59
N LEU A 18 14.91 1.68 18.31
CA LEU A 18 15.64 2.68 17.54
C LEU A 18 15.26 4.05 18.04
N ARG A 19 16.21 4.98 17.97
CA ARG A 19 15.95 6.39 18.26
C ARG A 19 16.23 7.20 17.01
N LEU A 20 15.19 7.82 16.46
CA LEU A 20 15.34 8.72 15.33
C LEU A 20 15.60 10.14 15.80
N SER A 21 16.38 10.87 15.01
CA SER A 21 16.67 12.26 15.27
C SER A 21 16.35 13.07 14.03
N CYS A 22 15.97 14.33 14.25
CA CYS A 22 15.76 15.27 13.15
C CYS A 22 16.43 16.58 13.54
N ALA A 23 17.44 16.99 12.78
CA ALA A 23 18.16 18.22 13.02
C ALA A 23 17.55 19.33 12.17
N ALA A 24 17.08 20.39 12.82
CA ALA A 24 16.41 21.49 12.14
C ALA A 24 17.33 22.70 12.06
N SER A 25 17.26 23.40 10.94
CA SER A 25 18.03 24.62 10.75
C SER A 25 17.30 25.53 9.77
N GLY A 26 17.68 26.80 9.78
CA GLY A 26 17.08 27.75 8.87
C GLY A 26 15.77 28.35 9.31
N PHE A 27 15.35 28.10 10.54
CA PHE A 27 14.15 28.73 11.11
C PHE A 27 14.25 28.67 12.62
N THR A 28 13.32 29.36 13.28
CA THR A 28 13.27 29.33 14.74
C THR A 28 12.52 28.08 15.16
N PHE A 29 13.29 27.04 15.50
CA PHE A 29 12.73 25.71 15.78
C PHE A 29 11.67 25.76 16.87
N SER A 30 11.95 26.48 17.95
CA SER A 30 11.06 26.56 19.10
C SER A 30 9.73 27.26 18.80
N SER A 31 9.52 27.76 17.59
CA SER A 31 8.29 28.46 17.25
C SER A 31 7.29 27.57 16.51
N TYR A 32 7.61 26.31 16.26
CA TYR A 32 6.77 25.46 15.39
C TYR A 32 6.49 24.12 16.05
N SER A 33 5.28 23.62 15.81
CA SER A 33 5.00 22.22 16.10
C SER A 33 5.72 21.34 15.09
N MET A 34 6.10 20.13 15.52
CA MET A 34 6.87 19.22 14.69
C MET A 34 6.20 17.87 14.68
N ASN A 35 6.44 17.11 13.61
CA ASN A 35 5.73 15.87 13.38
C ASN A 35 6.64 14.80 12.82
N TRP A 36 6.25 13.55 13.02
CA TRP A 36 6.79 12.42 12.28
C TRP A 36 5.67 11.84 11.40
N VAL A 37 6.00 11.58 10.14
CA VAL A 37 5.10 10.96 9.17
C VAL A 37 5.90 9.84 8.50
N ARG A 38 5.30 8.66 8.34
CA ARG A 38 6.03 7.54 7.77
C ARG A 38 5.34 7.02 6.51
N GLN A 39 6.10 6.25 5.73
CA GLN A 39 5.61 5.72 4.46
C GLN A 39 6.19 4.32 4.29
N ALA A 40 5.33 3.31 4.40
CA ALA A 40 5.76 1.94 4.14
C ALA A 40 6.08 1.76 2.66
N PRO A 41 6.97 0.84 2.32
CA PRO A 41 7.32 0.64 0.91
C PRO A 41 6.09 0.37 0.05
N GLY A 42 5.94 1.16 -1.01
CA GLY A 42 4.81 1.04 -1.91
C GLY A 42 3.48 1.50 -1.37
N LYS A 43 3.46 2.14 -0.20
CA LYS A 43 2.22 2.55 0.44
C LYS A 43 2.18 4.07 0.54
N GLY A 44 1.11 4.58 1.14
CA GLY A 44 0.90 6.00 1.29
C GLY A 44 1.48 6.55 2.59
N LEU A 45 1.19 7.82 2.83
CA LEU A 45 1.68 8.51 4.01
C LEU A 45 0.79 8.24 5.21
N GLU A 46 1.41 8.09 6.38
CA GLU A 46 0.71 7.83 7.63
C GLU A 46 1.29 8.72 8.71
N TRP A 47 0.47 9.59 9.28
CA TRP A 47 0.92 10.42 10.39
C TRP A 47 1.25 9.53 11.60
N VAL A 48 2.36 9.83 12.27
CA VAL A 48 2.86 9.03 13.38
C VAL A 48 2.69 9.76 14.71
N SER A 49 3.19 10.99 14.80
CA SER A 49 3.21 11.66 16.08
C SER A 49 3.43 13.16 15.87
N SER A 50 2.95 13.96 16.83
CA SER A 50 3.15 15.40 16.79
C SER A 50 3.53 15.90 18.17
N ILE A 51 4.27 17.01 18.20
CA ILE A 51 4.64 17.65 19.45
C ILE A 51 4.58 19.17 19.26
N SER A 52 4.00 19.86 20.22
CA SER A 52 3.82 21.30 20.11
C SER A 52 5.15 22.02 20.35
N SER A 53 5.15 23.34 20.10
CA SER A 53 6.40 24.09 20.01
C SER A 53 7.25 23.93 21.27
N SER A 54 6.63 23.93 22.45
CA SER A 54 7.34 23.79 23.71
C SER A 54 6.95 22.51 24.45
N SER A 55 6.59 21.47 23.70
CA SER A 55 6.28 20.13 24.21
C SER A 55 5.03 20.09 25.09
N SER A 56 4.24 21.17 25.13
CA SER A 56 3.06 21.17 25.99
C SER A 56 2.09 20.07 25.62
N TYR A 57 1.91 19.83 24.32
CA TYR A 57 0.96 18.84 23.83
C TYR A 57 1.65 17.84 22.92
N ILE A 58 1.39 16.57 23.17
CA ILE A 58 1.97 15.46 22.43
C ILE A 58 0.84 14.55 21.99
N TYR A 59 0.88 14.10 20.73
CA TYR A 59 -0.14 13.20 20.20
C TYR A 59 0.51 12.07 19.42
N TYR A 60 -0.17 10.93 19.39
CA TYR A 60 0.29 9.74 18.67
C TYR A 60 -0.83 9.12 17.86
N ALA A 61 -0.48 8.56 16.71
CA ALA A 61 -1.40 7.67 16.02
C ALA A 61 -1.61 6.41 16.85
N ASP A 62 -2.81 5.83 16.73
CA ASP A 62 -3.11 4.61 17.48
C ASP A 62 -2.14 3.48 17.16
N SER A 63 -1.61 3.45 15.94
CA SER A 63 -0.76 2.35 15.53
C SER A 63 0.57 2.31 16.27
N VAL A 64 0.98 3.41 16.90
CA VAL A 64 2.26 3.48 17.59
C VAL A 64 2.13 3.87 19.04
N LYS A 65 0.94 4.23 19.51
CA LYS A 65 0.78 4.72 20.86
C LYS A 65 1.20 3.67 21.88
N GLY A 66 1.97 4.09 22.88
CA GLY A 66 2.48 3.20 23.90
C GLY A 66 3.82 2.58 23.57
N ARG A 67 4.23 2.59 22.30
CA ARG A 67 5.52 2.07 21.87
C ARG A 67 6.50 3.14 21.45
N PHE A 68 6.02 4.23 20.85
CA PHE A 68 6.86 5.31 20.37
C PHE A 68 6.73 6.52 21.29
N THR A 69 7.83 7.25 21.47
CA THR A 69 7.82 8.46 22.29
C THR A 69 8.47 9.59 21.50
N ILE A 70 7.73 10.68 21.31
CA ILE A 70 8.25 11.85 20.63
C ILE A 70 8.74 12.83 21.68
N SER A 71 9.78 13.57 21.33
CA SER A 71 10.31 14.62 22.21
C SER A 71 11.11 15.59 21.35
N ARG A 72 11.48 16.71 21.97
CA ARG A 72 12.27 17.71 21.28
C ARG A 72 13.18 18.40 22.28
N ASP A 73 14.27 18.96 21.76
CA ASP A 73 15.22 19.74 22.55
C ASP A 73 15.40 21.05 21.77
N ASN A 74 14.73 22.11 22.24
CA ASN A 74 14.75 23.37 21.50
C ASN A 74 16.12 24.06 21.58
N ALA A 75 16.92 23.74 22.58
CA ALA A 75 18.28 24.27 22.63
C ALA A 75 19.14 23.65 21.55
N LYS A 76 18.93 22.36 21.26
CA LYS A 76 19.70 21.66 20.23
C LYS A 76 19.05 21.71 18.86
N ASN A 77 17.87 22.32 18.74
CA ASN A 77 17.11 22.33 17.49
C ASN A 77 16.91 20.92 16.95
N SER A 78 16.49 20.01 17.83
CA SER A 78 16.40 18.60 17.45
C SER A 78 15.05 18.03 17.84
N LEU A 79 14.53 17.17 16.97
CA LEU A 79 13.33 16.39 17.22
C LEU A 79 13.70 14.92 17.30
N TYR A 80 13.06 14.18 18.20
CA TYR A 80 13.40 12.78 18.43
C TYR A 80 12.16 11.90 18.34
N LEU A 81 12.39 10.63 17.99
CA LEU A 81 11.36 9.61 18.08
C LEU A 81 12.02 8.36 18.64
N GLN A 82 11.68 8.01 19.89
CA GLN A 82 12.16 6.77 20.49
C GLN A 82 11.17 5.67 20.14
N MET A 83 11.63 4.66 19.40
CA MET A 83 10.79 3.58 18.91
C MET A 83 11.14 2.31 19.67
N ASN A 84 10.24 1.86 20.53
CA ASN A 84 10.41 0.62 21.27
C ASN A 84 9.45 -0.43 20.73
N SER A 85 9.73 -1.69 21.06
CA SER A 85 8.85 -2.81 20.72
C SER A 85 8.51 -2.81 19.24
N LEU A 86 9.53 -2.66 18.40
CA LEU A 86 9.33 -2.53 16.97
C LEU A 86 8.76 -3.83 16.37
N ARG A 87 7.91 -3.66 15.36
CA ARG A 87 7.29 -4.74 14.63
C ARG A 87 7.65 -4.63 13.16
N ALA A 88 7.56 -5.75 12.45
CA ALA A 88 7.83 -5.73 11.01
C ALA A 88 6.99 -4.69 10.30
N GLU A 89 5.76 -4.46 10.76
CA GLU A 89 4.86 -3.51 10.12
C GLU A 89 5.26 -2.06 10.36
N ASP A 90 6.22 -1.79 11.24
CA ASP A 90 6.78 -0.46 11.41
C ASP A 90 7.80 -0.10 10.33
N THR A 91 8.14 -1.05 9.45
CA THR A 91 9.08 -0.77 8.37
C THR A 91 8.55 0.34 7.47
N ALA A 92 9.38 1.38 7.28
CA ALA A 92 8.95 2.55 6.53
C ALA A 92 10.11 3.54 6.45
N VAL A 93 9.98 4.49 5.53
CA VAL A 93 10.74 5.72 5.60
C VAL A 93 10.04 6.66 6.56
N TYR A 94 10.79 7.21 7.50
CA TYR A 94 10.24 8.13 8.51
C TYR A 94 10.67 9.55 8.17
N TYR A 95 9.69 10.43 7.99
CA TYR A 95 9.91 11.82 7.63
C TYR A 95 9.67 12.72 8.83
N CYS A 96 10.58 13.66 9.02
CA CYS A 96 10.39 14.80 9.91
C CYS A 96 9.62 15.88 9.15
N ALA A 97 8.59 16.45 9.76
CA ALA A 97 7.78 17.45 9.07
C ALA A 97 7.38 18.57 10.02
N ARG A 98 7.51 19.80 9.53
CA ARG A 98 7.11 20.98 10.30
C ARG A 98 5.65 21.30 10.05
N LEU A 99 4.93 21.65 11.12
CA LEU A 99 3.57 22.15 10.99
C LEU A 99 3.61 23.64 10.66
N GLY A 100 2.94 24.01 9.58
CA GLY A 100 2.89 25.41 9.22
C GLY A 100 1.89 26.18 10.06
N TYR A 101 2.00 27.50 9.98
CA TYR A 101 1.03 28.37 10.63
C TYR A 101 -0.25 28.42 9.81
N CYS A 102 -1.38 28.45 10.51
CA CYS A 102 -2.66 28.65 9.86
C CYS A 102 -3.64 29.24 10.87
N SER A 103 -4.55 30.08 10.37
CA SER A 103 -5.50 30.74 11.26
C SER A 103 -6.59 29.79 11.74
N GLY A 104 -6.76 28.65 11.11
CA GLY A 104 -7.77 27.70 11.51
C GLY A 104 -7.94 26.63 10.46
N GLY A 105 -8.77 25.66 10.79
CA GLY A 105 -9.05 24.55 9.90
C GLY A 105 -8.07 23.41 9.95
N SER A 106 -7.21 23.35 10.99
CA SER A 106 -6.11 22.41 11.15
C SER A 106 -5.05 22.64 10.06
N CYS A 107 -3.80 22.75 10.46
CA CYS A 107 -2.77 23.26 9.57
C CYS A 107 -2.15 22.14 8.73
N HIS A 108 -1.23 22.54 7.87
CA HIS A 108 -0.55 21.67 6.91
C HIS A 108 0.89 21.47 7.34
N PHE A 109 1.55 20.51 6.68
CA PHE A 109 2.97 20.22 6.89
C PHE A 109 3.73 20.97 5.81
N ASP A 110 4.34 22.11 6.17
CA ASP A 110 4.87 22.98 5.12
C ASP A 110 6.31 22.67 4.74
N TYR A 111 7.06 21.95 5.57
CA TYR A 111 8.41 21.52 5.23
C TYR A 111 8.65 20.09 5.70
N TRP A 112 9.35 19.32 4.87
CA TRP A 112 9.62 17.91 5.11
C TRP A 112 11.11 17.64 4.97
N GLY A 113 11.60 16.67 5.74
CA GLY A 113 12.97 16.23 5.64
C GLY A 113 13.17 15.31 4.45
N GLN A 114 14.33 14.66 4.44
CA GLN A 114 14.65 13.72 3.36
C GLN A 114 14.30 12.29 3.73
N GLY A 115 13.94 12.03 4.98
CA GLY A 115 13.55 10.70 5.44
C GLY A 115 14.74 9.88 5.91
N THR A 116 14.47 8.98 6.86
CA THR A 116 15.42 7.97 7.28
C THR A 116 14.72 6.62 7.24
N LEU A 117 15.42 5.61 6.72
CA LEU A 117 14.82 4.31 6.49
C LEU A 117 14.89 3.45 7.75
N VAL A 118 13.75 2.86 8.13
CA VAL A 118 13.68 1.93 9.23
C VAL A 118 13.18 0.60 8.67
N THR A 119 13.98 -0.44 8.81
CA THR A 119 13.60 -1.78 8.37
C THR A 119 13.60 -2.71 9.57
N VAL A 120 12.45 -3.31 9.85
CA VAL A 120 12.28 -4.22 10.97
C VAL A 120 12.05 -5.61 10.37
N SER A 121 13.01 -6.49 10.56
CA SER A 121 12.94 -7.82 9.95
C SER A 121 13.68 -8.83 10.81
N SER A 122 13.02 -9.96 11.06
CA SER A 122 13.70 -11.10 11.66
C SER A 122 14.55 -11.79 10.60
N ALA A 123 15.76 -12.19 10.97
CA ALA A 123 16.63 -12.90 10.05
C ALA A 123 16.41 -14.41 10.07
N SER A 124 15.46 -14.89 10.87
CA SER A 124 15.26 -16.33 11.01
C SER A 124 14.63 -16.90 9.74
N THR A 125 15.21 -18.00 9.27
CA THR A 125 14.72 -18.65 8.06
C THR A 125 13.38 -19.33 8.33
N LYS A 126 12.46 -19.22 7.35
CA LYS A 126 11.13 -19.79 7.43
C LYS A 126 10.83 -20.50 6.12
N GLY A 127 10.52 -21.80 6.20
CA GLY A 127 10.14 -22.55 5.02
C GLY A 127 8.70 -22.28 4.64
N PRO A 128 8.37 -22.48 3.37
CA PRO A 128 7.00 -22.20 2.90
C PRO A 128 6.02 -23.33 3.20
N SER A 129 4.76 -22.94 3.30
CA SER A 129 3.63 -23.86 3.27
C SER A 129 2.94 -23.70 1.93
N VAL A 130 2.71 -24.81 1.23
CA VAL A 130 2.23 -24.77 -0.14
C VAL A 130 0.82 -25.38 -0.18
N PHE A 131 -0.10 -24.67 -0.83
CA PHE A 131 -1.48 -25.11 -0.95
C PHE A 131 -1.90 -25.09 -2.41
N PRO A 132 -2.73 -26.04 -2.82
CA PRO A 132 -3.19 -26.06 -4.22
C PRO A 132 -4.33 -25.08 -4.42
N LEU A 133 -4.32 -24.41 -5.57
CA LEU A 133 -5.40 -23.54 -6.00
C LEU A 133 -6.15 -24.30 -7.09
N ALA A 134 -7.26 -24.92 -6.73
CA ALA A 134 -7.96 -25.84 -7.62
C ALA A 134 -8.46 -25.11 -8.86
N PRO A 135 -8.50 -25.80 -10.00
CA PRO A 135 -8.84 -25.13 -11.26
C PRO A 135 -10.18 -24.42 -11.23
N SER A 136 -10.22 -23.26 -11.87
CA SER A 136 -11.45 -22.49 -12.07
C SER A 136 -11.45 -21.91 -13.47
N SER A 137 -12.56 -22.05 -14.17
CA SER A 137 -12.71 -21.54 -15.51
C SER A 137 -13.38 -20.17 -15.55
N LYS A 138 -13.67 -19.58 -14.39
CA LYS A 138 -14.54 -18.41 -14.34
C LYS A 138 -13.91 -17.21 -15.05
N SER A 139 -12.59 -17.05 -14.92
CA SER A 139 -11.91 -15.85 -15.38
C SER A 139 -11.04 -16.07 -16.60
N THR A 140 -11.09 -17.25 -17.21
CA THR A 140 -10.22 -17.59 -18.33
C THR A 140 -11.00 -17.62 -19.64
N SER A 141 -10.25 -17.80 -20.73
CA SER A 141 -10.88 -17.89 -22.04
C SER A 141 -11.62 -19.21 -22.19
N GLY A 142 -12.41 -19.30 -23.26
CA GLY A 142 -13.24 -20.48 -23.46
C GLY A 142 -12.39 -21.73 -23.57
N GLY A 143 -12.85 -22.80 -22.93
CA GLY A 143 -12.18 -24.09 -22.99
C GLY A 143 -10.94 -24.21 -22.14
N THR A 144 -10.65 -23.24 -21.29
CA THR A 144 -9.46 -23.30 -20.44
C THR A 144 -9.86 -23.03 -19.00
N ALA A 145 -8.95 -23.38 -18.09
CA ALA A 145 -9.14 -23.18 -16.67
C ALA A 145 -7.82 -22.75 -16.04
N ALA A 146 -7.92 -21.94 -14.99
CA ALA A 146 -6.76 -21.47 -14.26
C ALA A 146 -6.60 -22.28 -12.97
N LEU A 147 -5.41 -22.80 -12.76
CA LEU A 147 -5.07 -23.48 -11.50
C LEU A 147 -3.73 -22.95 -11.02
N GLY A 148 -3.43 -23.21 -9.77
CA GLY A 148 -2.20 -22.64 -9.26
C GLY A 148 -1.76 -23.25 -7.95
N CYS A 149 -0.73 -22.63 -7.39
CA CYS A 149 -0.19 -22.99 -6.09
C CYS A 149 0.05 -21.72 -5.29
N LEU A 150 -0.38 -21.75 -4.04
CA LEU A 150 -0.13 -20.68 -3.08
C LEU A 150 1.05 -21.08 -2.22
N VAL A 151 2.06 -20.22 -2.16
CA VAL A 151 3.30 -20.46 -1.44
C VAL A 151 3.35 -19.47 -0.29
N LYS A 152 3.08 -19.93 0.93
CA LYS A 152 2.72 -19.08 2.05
C LYS A 152 3.84 -18.99 3.09
N ASP A 153 4.12 -17.77 3.54
CA ASP A 153 4.81 -17.49 4.81
C ASP A 153 6.24 -18.06 4.84
N TYR A 154 7.08 -17.58 3.93
CA TYR A 154 8.47 -18.00 3.90
C TYR A 154 9.39 -16.79 4.06
N PHE A 155 10.65 -17.08 4.40
CA PHE A 155 11.68 -16.08 4.55
C PHE A 155 13.05 -16.74 4.56
N PRO A 156 14.07 -16.15 3.89
CA PRO A 156 13.92 -14.97 3.06
C PRO A 156 13.58 -15.32 1.62
N GLU A 157 13.53 -14.30 0.77
CA GLU A 157 13.54 -14.55 -0.67
C GLU A 157 14.84 -15.25 -1.05
N PRO A 158 14.86 -16.02 -2.15
CA PRO A 158 13.76 -16.26 -3.07
C PRO A 158 13.20 -17.68 -3.00
N VAL A 159 12.10 -17.90 -3.72
CA VAL A 159 11.60 -19.24 -3.98
C VAL A 159 11.50 -19.38 -5.49
N THR A 160 11.61 -20.61 -5.97
CA THR A 160 11.37 -20.92 -7.37
C THR A 160 10.16 -21.85 -7.47
N VAL A 161 9.35 -21.63 -8.48
CA VAL A 161 8.21 -22.49 -8.77
C VAL A 161 8.34 -22.96 -10.21
N SER A 162 8.25 -24.27 -10.41
CA SER A 162 8.11 -24.84 -11.74
C SER A 162 6.85 -25.68 -11.76
N TRP A 163 6.43 -26.08 -12.96
CA TRP A 163 5.25 -26.91 -13.13
C TRP A 163 5.63 -28.17 -13.90
N ASN A 164 5.21 -29.32 -13.36
CA ASN A 164 5.50 -30.62 -13.95
C ASN A 164 7.00 -30.77 -14.23
N SER A 165 7.80 -30.38 -13.23
CA SER A 165 9.26 -30.52 -13.26
C SER A 165 9.89 -29.74 -14.41
N GLY A 166 9.26 -28.63 -14.81
CA GLY A 166 9.75 -27.80 -15.88
C GLY A 166 9.19 -28.14 -17.26
N ALA A 167 8.39 -29.19 -17.37
CA ALA A 167 7.81 -29.55 -18.67
C ALA A 167 6.66 -28.64 -19.07
N LEU A 168 6.02 -27.97 -18.11
CA LEU A 168 4.92 -27.06 -18.38
C LEU A 168 5.41 -25.64 -18.13
N THR A 169 5.54 -24.86 -19.21
CA THR A 169 6.02 -23.49 -19.09
C THR A 169 5.05 -22.51 -19.72
N SER A 170 4.31 -22.97 -20.73
CA SER A 170 3.39 -22.10 -21.46
C SER A 170 2.24 -21.67 -20.56
N GLY A 171 1.99 -20.36 -20.51
CA GLY A 171 0.88 -19.84 -19.74
C GLY A 171 1.09 -19.82 -18.24
N VAL A 172 2.32 -20.01 -17.78
CA VAL A 172 2.63 -19.93 -16.35
C VAL A 172 2.91 -18.48 -15.99
N HIS A 173 2.26 -17.99 -14.93
CA HIS A 173 2.55 -16.67 -14.38
C HIS A 173 2.80 -16.84 -12.89
N THR A 174 4.07 -16.75 -12.50
CA THR A 174 4.42 -16.75 -11.09
C THR A 174 4.51 -15.30 -10.64
N PHE A 175 3.64 -14.92 -9.71
CA PHE A 175 3.53 -13.53 -9.30
C PHE A 175 4.63 -13.17 -8.31
N PRO A 176 5.14 -11.94 -8.37
CA PRO A 176 6.08 -11.48 -7.34
C PRO A 176 5.45 -11.60 -5.96
N ALA A 177 6.30 -11.91 -4.98
CA ALA A 177 5.81 -12.15 -3.64
C ALA A 177 5.38 -10.85 -2.96
N VAL A 178 4.43 -10.97 -2.06
CA VAL A 178 4.07 -9.88 -1.17
C VAL A 178 4.91 -10.01 0.10
N LEU A 179 5.43 -8.89 0.57
CA LEU A 179 6.07 -8.83 1.89
C LEU A 179 4.98 -8.44 2.89
N GLN A 180 4.58 -9.38 3.72
CA GLN A 180 3.45 -9.20 4.61
C GLN A 180 3.85 -8.38 5.83
N SER A 181 2.83 -7.91 6.56
CA SER A 181 3.09 -7.17 7.79
C SER A 181 3.74 -8.05 8.85
N SER A 182 3.66 -9.37 8.71
CA SER A 182 4.38 -10.29 9.59
C SER A 182 5.87 -10.33 9.30
N GLY A 183 6.31 -9.76 8.18
CA GLY A 183 7.70 -9.83 7.78
C GLY A 183 8.04 -11.04 6.93
N LEU A 184 7.06 -11.90 6.65
CA LEU A 184 7.24 -13.07 5.81
C LEU A 184 6.68 -12.82 4.42
N TYR A 185 7.12 -13.63 3.47
CA TYR A 185 6.69 -13.51 2.09
C TYR A 185 5.64 -14.56 1.75
N SER A 186 4.78 -14.21 0.79
CA SER A 186 3.88 -15.16 0.15
C SER A 186 3.79 -14.84 -1.33
N LEU A 187 3.64 -15.87 -2.15
CA LEU A 187 3.39 -15.65 -3.57
C LEU A 187 2.44 -16.72 -4.09
N SER A 188 1.99 -16.51 -5.33
CA SER A 188 1.17 -17.48 -6.02
C SER A 188 1.73 -17.69 -7.42
N SER A 189 1.57 -18.92 -7.92
CA SER A 189 1.89 -19.26 -9.30
C SER A 189 0.65 -19.86 -9.92
N VAL A 190 0.22 -19.29 -11.05
CA VAL A 190 -1.02 -19.71 -11.72
C VAL A 190 -0.69 -20.09 -13.15
N VAL A 191 -1.35 -21.12 -13.66
CA VAL A 191 -1.19 -21.53 -15.05
C VAL A 191 -2.57 -21.80 -15.63
N THR A 192 -2.77 -21.39 -16.88
CA THR A 192 -3.99 -21.64 -17.60
C THR A 192 -3.79 -22.85 -18.50
N VAL A 193 -4.69 -23.83 -18.39
CA VAL A 193 -4.54 -25.11 -19.09
C VAL A 193 -5.88 -25.44 -19.76
N PRO A 194 -5.87 -26.33 -20.75
CA PRO A 194 -7.14 -26.76 -21.37
C PRO A 194 -8.04 -27.46 -20.37
N SER A 195 -9.34 -27.13 -20.42
CA SER A 195 -10.30 -27.76 -19.53
C SER A 195 -10.44 -29.25 -19.81
N SER A 196 -10.30 -29.64 -21.09
CA SER A 196 -10.41 -31.05 -21.45
C SER A 196 -9.30 -31.89 -20.85
N SER A 197 -8.21 -31.27 -20.41
CA SER A 197 -7.08 -32.01 -19.84
C SER A 197 -7.22 -32.27 -18.35
N LEU A 198 -8.23 -31.68 -17.70
CA LEU A 198 -8.26 -31.68 -16.24
C LEU A 198 -8.46 -33.09 -15.67
N GLY A 199 -9.25 -33.92 -16.35
CA GLY A 199 -9.41 -35.28 -15.87
C GLY A 199 -8.28 -36.22 -16.21
N THR A 200 -7.39 -35.82 -17.12
CA THR A 200 -6.36 -36.70 -17.65
C THR A 200 -4.96 -36.27 -17.27
N GLN A 201 -4.61 -35.01 -17.48
CA GLN A 201 -3.27 -34.53 -17.24
C GLN A 201 -3.08 -34.18 -15.77
N THR A 202 -1.98 -34.64 -15.19
CA THR A 202 -1.61 -34.30 -13.82
C THR A 202 -0.84 -32.98 -13.83
N TYR A 203 -1.17 -32.10 -12.90
CA TYR A 203 -0.49 -30.81 -12.75
C TYR A 203 0.11 -30.72 -11.36
N ILE A 204 1.43 -30.60 -11.30
CA ILE A 204 2.18 -30.57 -10.05
C ILE A 204 3.05 -29.31 -10.04
N CYS A 205 2.94 -28.52 -8.99
CA CYS A 205 3.84 -27.39 -8.84
C CYS A 205 5.01 -27.81 -7.96
N ASN A 206 6.21 -27.47 -8.39
CA ASN A 206 7.45 -27.81 -7.70
C ASN A 206 7.99 -26.53 -7.09
N VAL A 207 7.98 -26.48 -5.76
CA VAL A 207 8.41 -25.29 -5.02
C VAL A 207 9.73 -25.59 -4.35
N ASN A 208 10.73 -24.73 -4.57
CA ASN A 208 12.05 -24.88 -3.98
C ASN A 208 12.37 -23.60 -3.22
N HIS A 209 12.61 -23.74 -1.91
CA HIS A 209 13.05 -22.62 -1.08
C HIS A 209 14.45 -22.96 -0.59
N LYS A 210 15.45 -22.61 -1.39
CA LYS A 210 16.83 -22.98 -1.04
C LYS A 210 17.31 -22.43 0.28
N PRO A 211 16.95 -21.21 0.72
CA PRO A 211 17.41 -20.74 2.04
C PRO A 211 17.06 -21.67 3.19
N SER A 212 15.91 -22.34 3.14
CA SER A 212 15.52 -23.30 4.17
C SER A 212 15.77 -24.75 3.76
N ASN A 213 16.29 -24.99 2.57
CA ASN A 213 16.44 -26.34 2.02
C ASN A 213 15.12 -27.12 2.11
N THR A 214 14.05 -26.46 1.69
CA THR A 214 12.71 -27.05 1.66
C THR A 214 12.27 -27.20 0.21
N LYS A 215 11.78 -28.38 -0.15
CA LYS A 215 11.24 -28.64 -1.47
C LYS A 215 9.86 -29.25 -1.32
N VAL A 216 8.88 -28.72 -2.03
CA VAL A 216 7.51 -29.23 -1.97
C VAL A 216 7.01 -29.46 -3.39
N ASP A 217 6.42 -30.64 -3.61
CA ASP A 217 5.71 -30.93 -4.86
C ASP A 217 4.24 -31.11 -4.51
N LYS A 218 3.39 -30.25 -5.05
CA LYS A 218 1.97 -30.23 -4.73
C LYS A 218 1.15 -30.54 -5.97
N LYS A 219 0.44 -31.66 -5.95
CA LYS A 219 -0.50 -31.98 -7.01
C LYS A 219 -1.74 -31.08 -6.86
N VAL A 220 -2.18 -30.51 -7.97
CA VAL A 220 -3.32 -29.60 -7.99
C VAL A 220 -4.43 -30.31 -8.76
N GLU A 221 -5.42 -30.80 -8.02
CA GLU A 221 -6.49 -31.61 -8.59
C GLU A 221 -7.79 -30.81 -8.69
N PRO A 222 -8.65 -31.16 -9.64
CA PRO A 222 -9.98 -30.55 -9.67
C PRO A 222 -10.77 -30.88 -8.42
N LYS A 223 -11.61 -29.95 -7.99
CA LYS A 223 -12.44 -30.18 -6.82
C LYS A 223 -13.91 -30.27 -7.20
N SER B 2 -9.38 5.54 9.62
CA SER B 2 -9.89 5.73 8.27
C SER B 2 -8.95 6.61 7.43
N VAL B 3 -9.21 6.67 6.13
CA VAL B 3 -8.38 7.39 5.18
C VAL B 3 -9.27 8.19 4.24
N LEU B 4 -8.65 9.08 3.47
CA LEU B 4 -9.33 9.77 2.39
C LEU B 4 -9.14 8.97 1.10
N THR B 5 -10.21 8.78 0.35
CA THR B 5 -10.17 7.94 -0.85
C THR B 5 -9.74 8.77 -2.06
N GLN B 6 -8.70 8.30 -2.75
CA GLN B 6 -8.22 8.88 -3.99
C GLN B 6 -8.17 7.84 -5.09
N PRO B 7 -8.36 8.23 -6.34
CA PRO B 7 -8.17 7.29 -7.46
C PRO B 7 -6.74 6.81 -7.50
N PRO B 8 -6.50 5.53 -7.74
CA PRO B 8 -5.11 5.05 -7.79
C PRO B 8 -4.31 5.63 -8.93
N SER B 9 -4.94 5.88 -10.08
CA SER B 9 -4.25 6.31 -11.29
C SER B 9 -5.03 7.43 -11.94
N VAL B 10 -4.34 8.52 -12.27
CA VAL B 10 -4.87 9.59 -13.09
C VAL B 10 -3.86 9.86 -14.20
N SER B 11 -4.33 9.92 -15.45
CA SER B 11 -3.40 9.95 -16.56
C SER B 11 -3.95 10.81 -17.70
N GLY B 12 -3.05 11.20 -18.59
CA GLY B 12 -3.44 11.96 -19.76
C GLY B 12 -2.25 12.14 -20.69
N ALA B 13 -2.53 12.79 -21.82
CA ALA B 13 -1.51 13.13 -22.81
C ALA B 13 -0.88 14.47 -22.44
N PRO B 14 0.32 14.75 -22.94
CA PRO B 14 0.95 16.05 -22.66
C PRO B 14 0.03 17.21 -23.02
N GLY B 15 -0.01 18.21 -22.14
CA GLY B 15 -0.83 19.38 -22.34
C GLY B 15 -2.26 19.25 -21.85
N GLN B 16 -2.70 18.04 -21.50
CA GLN B 16 -4.05 17.82 -21.02
C GLN B 16 -4.25 18.42 -19.63
N ARG B 17 -5.52 18.66 -19.29
CA ARG B 17 -5.92 18.96 -17.93
C ARG B 17 -6.45 17.69 -17.27
N VAL B 18 -5.95 17.37 -16.07
CA VAL B 18 -6.40 16.21 -15.32
C VAL B 18 -6.84 16.68 -13.93
N THR B 19 -7.70 15.88 -13.31
CA THR B 19 -8.19 16.18 -11.97
C THR B 19 -8.05 14.95 -11.08
N ILE B 20 -7.79 15.20 -9.79
CA ILE B 20 -7.61 14.17 -8.78
C ILE B 20 -8.63 14.43 -7.67
N SER B 21 -9.53 13.47 -7.47
CA SER B 21 -10.53 13.60 -6.43
C SER B 21 -10.00 13.10 -5.08
N CYS B 22 -10.60 13.63 -4.01
CA CYS B 22 -10.23 13.28 -2.64
C CYS B 22 -11.52 13.20 -1.86
N THR B 23 -11.94 12.00 -1.52
CA THR B 23 -13.26 11.76 -0.94
C THR B 23 -13.11 11.44 0.54
N GLY B 24 -13.68 12.30 1.38
CA GLY B 24 -13.66 12.07 2.81
C GLY B 24 -15.05 11.79 3.35
N SER B 25 -15.32 12.23 4.58
CA SER B 25 -16.59 11.97 5.23
C SER B 25 -16.92 13.13 6.16
N SER B 26 -18.06 13.01 6.83
CA SER B 26 -18.47 14.00 7.83
C SER B 26 -17.54 14.03 9.04
N SER B 27 -16.61 13.09 9.16
CA SER B 27 -15.68 13.09 10.29
C SER B 27 -14.36 13.80 9.98
N ASN B 28 -14.12 14.18 8.72
CA ASN B 28 -12.88 14.89 8.41
C ASN B 28 -13.14 16.11 7.53
N ILE B 29 -13.16 15.92 6.20
CA ILE B 29 -13.37 17.05 5.29
C ILE B 29 -14.70 17.75 5.58
N GLY B 30 -15.73 16.98 5.87
CA GLY B 30 -17.02 17.56 6.21
C GLY B 30 -17.17 18.05 7.63
N ALA B 31 -16.13 17.90 8.46
CA ALA B 31 -16.18 18.28 9.86
C ALA B 31 -15.58 19.65 10.11
N GLY B 32 -15.35 20.45 9.06
CA GLY B 32 -14.82 21.79 9.20
C GLY B 32 -13.35 21.93 8.93
N TYR B 33 -12.67 20.86 8.52
CA TYR B 33 -11.23 20.86 8.33
C TYR B 33 -10.86 21.10 6.88
N ASP B 34 -9.83 21.92 6.67
CA ASP B 34 -9.31 22.18 5.34
C ASP B 34 -8.65 20.94 4.76
N VAL B 35 -8.43 20.96 3.45
CA VAL B 35 -7.70 19.92 2.73
C VAL B 35 -6.42 20.52 2.18
N HIS B 36 -5.31 19.79 2.34
CA HIS B 36 -4.02 20.17 1.85
C HIS B 36 -3.50 19.08 0.92
N TRP B 37 -2.59 19.44 0.02
CA TRP B 37 -2.08 18.51 -0.97
C TRP B 37 -0.56 18.50 -0.98
N TYR B 38 0.01 17.30 -1.19
CA TYR B 38 1.44 17.12 -1.28
C TYR B 38 1.79 16.39 -2.57
N GLN B 39 2.89 16.82 -3.19
CA GLN B 39 3.41 16.20 -4.39
C GLN B 39 4.66 15.41 -4.01
N GLN B 40 4.70 14.13 -4.39
CA GLN B 40 5.85 13.30 -4.10
C GLN B 40 6.43 12.80 -5.42
N LEU B 41 7.42 13.52 -5.94
CA LEU B 41 8.15 13.04 -7.11
C LEU B 41 8.81 11.71 -6.76
N PRO B 42 9.01 10.84 -7.74
CA PRO B 42 9.58 9.52 -7.46
C PRO B 42 10.89 9.61 -6.70
N GLY B 43 10.97 8.87 -5.59
CA GLY B 43 12.16 8.81 -4.78
C GLY B 43 12.42 10.01 -3.90
N THR B 44 11.52 11.00 -3.89
CA THR B 44 11.71 12.20 -3.09
C THR B 44 10.74 12.23 -1.93
N ALA B 45 10.99 13.16 -1.01
CA ALA B 45 10.06 13.41 0.08
C ALA B 45 8.83 14.14 -0.46
N PRO B 46 7.69 14.01 0.22
CA PRO B 46 6.54 14.85 -0.14
C PRO B 46 6.90 16.32 -0.01
N LYS B 47 6.28 17.14 -0.85
CA LYS B 47 6.46 18.58 -0.79
C LYS B 47 5.09 19.25 -0.82
N LEU B 48 4.96 20.33 -0.05
CA LEU B 48 3.70 21.06 -0.02
C LEU B 48 3.34 21.57 -1.42
N LEU B 49 2.12 21.27 -1.85
CA LEU B 49 1.62 21.68 -3.15
C LEU B 49 0.45 22.65 -3.05
N ILE B 50 -0.51 22.35 -2.19
CA ILE B 50 -1.67 23.21 -1.93
C ILE B 50 -1.94 23.16 -0.43
N TYR B 51 -2.24 24.32 0.17
CA TYR B 51 -2.66 24.36 1.56
C TYR B 51 -3.93 25.17 1.69
N GLY B 52 -4.73 24.84 2.72
CA GLY B 52 -5.95 25.59 2.98
C GLY B 52 -6.92 25.53 1.83
N ASN B 53 -7.12 24.32 1.29
CA ASN B 53 -8.04 24.02 0.18
C ASN B 53 -7.52 24.50 -1.16
N SER B 54 -7.07 25.77 -1.26
CA SER B 54 -6.87 26.37 -2.56
C SER B 54 -5.64 27.25 -2.69
N ASN B 55 -4.78 27.34 -1.67
CA ASN B 55 -3.66 28.26 -1.71
C ASN B 55 -2.40 27.58 -2.24
N ARG B 56 -1.66 28.30 -3.08
CA ARG B 56 -0.42 27.81 -3.66
C ARG B 56 0.77 28.43 -2.94
N PRO B 57 1.69 27.62 -2.43
CA PRO B 57 2.94 28.17 -1.90
C PRO B 57 3.75 28.79 -3.03
N SER B 58 4.75 29.59 -2.64
CA SER B 58 5.68 30.12 -3.62
C SER B 58 6.45 28.98 -4.27
N GLY B 59 6.59 29.03 -5.59
CA GLY B 59 7.28 28.01 -6.32
C GLY B 59 6.39 26.95 -6.95
N VAL B 60 5.12 26.90 -6.57
CA VAL B 60 4.16 25.96 -7.18
C VAL B 60 3.47 26.68 -8.33
N PRO B 61 3.56 26.16 -9.55
CA PRO B 61 2.94 26.84 -10.70
C PRO B 61 1.43 26.95 -10.56
N ASP B 62 0.87 27.99 -11.17
CA ASP B 62 -0.57 28.17 -11.16
C ASP B 62 -1.31 27.15 -12.02
N ARG B 63 -0.58 26.24 -12.68
CA ARG B 63 -1.22 25.09 -13.32
C ARG B 63 -1.91 24.19 -12.31
N PHE B 64 -1.47 24.22 -11.05
CA PHE B 64 -2.09 23.44 -9.98
C PHE B 64 -3.11 24.30 -9.26
N SER B 65 -4.29 23.75 -9.01
CA SER B 65 -5.30 24.45 -8.24
C SER B 65 -6.08 23.44 -7.42
N GLY B 66 -6.57 23.88 -6.26
CA GLY B 66 -7.31 23.00 -5.38
C GLY B 66 -8.64 23.62 -4.99
N SER B 67 -9.58 22.75 -4.63
CA SER B 67 -10.89 23.19 -4.16
C SER B 67 -11.40 22.17 -3.15
N LYS B 68 -12.34 22.62 -2.33
CA LYS B 68 -13.04 21.77 -1.37
C LYS B 68 -14.54 22.03 -1.47
N SER B 69 -15.33 20.96 -1.40
CA SER B 69 -16.79 21.09 -1.44
C SER B 69 -17.40 19.95 -0.65
N GLY B 70 -18.07 20.28 0.45
CA GLY B 70 -18.74 19.28 1.25
C GLY B 70 -17.80 18.33 1.93
N THR B 71 -17.88 17.04 1.57
CA THR B 71 -17.00 16.02 2.11
C THR B 71 -15.89 15.62 1.15
N SER B 72 -15.70 16.36 0.05
CA SER B 72 -14.72 16.03 -0.96
C SER B 72 -13.86 17.24 -1.29
N ALA B 73 -12.74 16.97 -1.94
CA ALA B 73 -11.84 18.00 -2.44
C ALA B 73 -11.31 17.55 -3.79
N SER B 74 -10.63 18.45 -4.49
CA SER B 74 -10.15 18.14 -5.82
C SER B 74 -8.89 18.95 -6.12
N LEU B 75 -7.96 18.31 -6.84
CA LEU B 75 -6.77 18.95 -7.36
C LEU B 75 -6.83 18.91 -8.88
N ALA B 76 -6.60 20.05 -9.52
CA ALA B 76 -6.57 20.14 -10.97
C ALA B 76 -5.17 20.48 -11.43
N ILE B 77 -4.73 19.84 -12.51
CA ILE B 77 -3.42 20.10 -13.11
C ILE B 77 -3.66 20.40 -14.58
N THR B 78 -3.39 21.63 -14.99
CA THR B 78 -3.46 21.98 -16.40
C THR B 78 -2.08 21.84 -17.04
N GLY B 79 -2.07 21.69 -18.36
CA GLY B 79 -0.84 21.58 -19.12
C GLY B 79 0.08 20.48 -18.61
N LEU B 80 -0.50 19.30 -18.42
CA LEU B 80 0.25 18.16 -17.88
C LEU B 80 1.54 17.91 -18.68
N GLN B 81 2.64 17.72 -17.96
CA GLN B 81 3.91 17.38 -18.58
C GLN B 81 4.62 16.35 -17.72
N ALA B 82 5.69 15.78 -18.27
CA ALA B 82 6.40 14.69 -17.61
C ALA B 82 6.88 15.07 -16.22
N GLU B 83 7.24 16.34 -16.02
CA GLU B 83 7.69 16.79 -14.72
C GLU B 83 6.60 16.72 -13.65
N ASP B 84 5.35 16.56 -14.03
CA ASP B 84 4.25 16.41 -13.08
C ASP B 84 4.03 14.97 -12.66
N GLU B 85 4.70 14.01 -13.29
CA GLU B 85 4.54 12.61 -12.93
C GLU B 85 5.05 12.39 -11.52
N ALA B 86 4.15 11.97 -10.64
CA ALA B 86 4.44 11.87 -9.22
C ALA B 86 3.23 11.23 -8.54
N ASP B 87 3.37 10.95 -7.26
CA ASP B 87 2.25 10.56 -6.41
C ASP B 87 1.75 11.79 -5.67
N TYR B 88 0.44 11.99 -5.68
CA TYR B 88 -0.19 13.15 -5.04
C TYR B 88 -1.06 12.68 -3.89
N TYR B 89 -0.91 13.32 -2.73
CA TYR B 89 -1.64 12.96 -1.52
C TYR B 89 -2.44 14.15 -1.03
N CYS B 90 -3.75 13.96 -0.84
CA CYS B 90 -4.50 14.94 -0.07
C CYS B 90 -4.39 14.62 1.42
N GLN B 91 -4.77 15.59 2.24
CA GLN B 91 -4.59 15.45 3.68
C GLN B 91 -5.55 16.40 4.39
N SER B 92 -6.11 15.92 5.50
CA SER B 92 -7.01 16.72 6.31
C SER B 92 -6.85 16.29 7.76
N TYR B 93 -7.86 16.57 8.57
CA TYR B 93 -7.89 16.17 9.96
C TYR B 93 -9.20 15.46 10.23
N ASP B 94 -9.16 14.46 11.10
CA ASP B 94 -10.32 13.63 11.43
C ASP B 94 -10.59 13.74 12.92
N SER B 95 -11.86 13.89 13.28
CA SER B 95 -12.23 14.10 14.68
C SER B 95 -12.46 12.79 15.43
N SER B 96 -12.46 11.65 14.75
CA SER B 96 -12.68 10.39 15.46
C SER B 96 -11.39 9.97 16.15
N LEU B 97 -11.52 9.00 17.07
CA LEU B 97 -10.39 8.46 17.81
C LEU B 97 -9.59 9.56 18.49
N SER B 98 -10.31 10.57 18.99
CA SER B 98 -9.79 11.74 19.68
C SER B 98 -8.98 12.67 18.79
N GLY B 99 -8.98 12.44 17.47
CA GLY B 99 -8.34 13.35 16.54
C GLY B 99 -7.04 12.82 15.94
N PHE B 100 -6.92 12.92 14.61
CA PHE B 100 -5.67 12.55 13.96
C PHE B 100 -5.59 13.20 12.59
N TYR B 101 -4.35 13.45 12.15
CA TYR B 101 -4.12 13.87 10.77
C TYR B 101 -4.38 12.68 9.85
N VAL B 102 -5.18 12.90 8.80
CA VAL B 102 -5.59 11.82 7.91
C VAL B 102 -5.11 12.11 6.50
N PHE B 103 -4.56 11.10 5.85
CA PHE B 103 -4.03 11.22 4.50
C PHE B 103 -4.90 10.49 3.50
N GLY B 104 -4.91 10.98 2.27
CA GLY B 104 -5.47 10.22 1.18
C GLY B 104 -4.60 9.04 0.79
N THR B 105 -5.20 8.10 0.05
CA THR B 105 -4.50 6.89 -0.33
C THR B 105 -3.49 7.12 -1.45
N GLY B 106 -3.49 8.29 -2.06
CA GLY B 106 -2.48 8.62 -3.04
C GLY B 106 -2.89 8.34 -4.47
N THR B 107 -2.48 9.23 -5.39
CA THR B 107 -2.81 9.10 -6.81
C THR B 107 -1.52 9.19 -7.60
N LYS B 108 -1.24 8.17 -8.40
CA LYS B 108 -0.12 8.21 -9.33
C LYS B 108 -0.58 8.92 -10.60
N VAL B 109 0.14 9.98 -10.98
CA VAL B 109 -0.13 10.72 -12.22
C VAL B 109 0.87 10.28 -13.27
N THR B 110 0.36 9.85 -14.44
CA THR B 110 1.16 9.32 -15.53
C THR B 110 0.87 10.07 -16.81
N VAL B 111 1.91 10.47 -17.54
CA VAL B 111 1.77 10.87 -18.92
C VAL B 111 1.78 9.61 -19.76
N LEU B 112 0.69 9.34 -20.48
CA LEU B 112 0.52 8.06 -21.15
C LEU B 112 1.60 7.86 -22.22
N GLY B 113 2.37 6.77 -22.08
CA GLY B 113 3.36 6.41 -23.07
C GLY B 113 2.86 5.25 -23.92
N GLN B 114 1.74 4.67 -23.52
CA GLN B 114 1.05 3.62 -24.23
C GLN B 114 -0.41 3.70 -23.85
N PRO B 115 -1.32 3.12 -24.64
CA PRO B 115 -2.74 3.21 -24.31
C PRO B 115 -3.06 2.54 -22.99
N LYS B 116 -4.12 3.01 -22.33
CA LYS B 116 -4.54 2.41 -21.08
C LYS B 116 -4.97 0.97 -21.31
N ALA B 117 -4.64 0.11 -20.35
CA ALA B 117 -5.03 -1.29 -20.39
C ALA B 117 -5.71 -1.63 -19.08
N ALA B 118 -6.88 -2.30 -19.16
CA ALA B 118 -7.69 -2.60 -17.99
C ALA B 118 -7.24 -3.91 -17.34
N PRO B 119 -7.31 -3.99 -16.02
CA PRO B 119 -6.84 -5.20 -15.33
C PRO B 119 -7.76 -6.39 -15.55
N SER B 120 -7.15 -7.57 -15.61
CA SER B 120 -7.86 -8.84 -15.48
C SER B 120 -7.69 -9.35 -14.05
N VAL B 121 -8.72 -9.98 -13.52
CA VAL B 121 -8.76 -10.38 -12.11
C VAL B 121 -9.13 -11.85 -12.01
N THR B 122 -8.32 -12.62 -11.28
CA THR B 122 -8.63 -14.00 -10.92
C THR B 122 -8.65 -14.08 -9.39
N LEU B 123 -9.74 -14.65 -8.86
CA LEU B 123 -9.92 -14.76 -7.41
C LEU B 123 -10.07 -16.22 -7.04
N PHE B 124 -9.19 -16.72 -6.15
CA PHE B 124 -9.25 -18.08 -5.66
C PHE B 124 -9.76 -18.10 -4.22
N PRO B 125 -10.65 -19.04 -3.89
CA PRO B 125 -11.08 -19.21 -2.50
C PRO B 125 -10.04 -19.99 -1.71
N PRO B 126 -10.19 -20.10 -0.39
CA PRO B 126 -9.30 -20.97 0.37
C PRO B 126 -9.41 -22.41 -0.11
N SER B 127 -8.28 -23.09 -0.14
CA SER B 127 -8.27 -24.51 -0.47
C SER B 127 -8.79 -25.31 0.72
N SER B 128 -9.44 -26.45 0.40
CA SER B 128 -9.86 -27.35 1.47
C SER B 128 -8.66 -27.79 2.31
N GLU B 129 -7.50 -27.94 1.68
CA GLU B 129 -6.28 -28.31 2.39
C GLU B 129 -5.92 -27.26 3.43
N GLU B 130 -5.95 -25.98 3.04
CA GLU B 130 -5.61 -24.93 4.00
C GLU B 130 -6.64 -24.86 5.12
N LEU B 131 -7.92 -25.02 4.81
CA LEU B 131 -8.94 -25.03 5.86
C LEU B 131 -8.70 -26.15 6.86
N GLN B 132 -8.22 -27.30 6.40
CA GLN B 132 -7.88 -28.38 7.32
C GLN B 132 -6.69 -28.02 8.20
N ALA B 133 -5.84 -27.11 7.75
CA ALA B 133 -4.74 -26.60 8.54
C ALA B 133 -5.15 -25.41 9.42
N ASN B 134 -6.45 -25.17 9.55
CA ASN B 134 -7.01 -24.16 10.44
C ASN B 134 -6.67 -22.74 9.98
N LYS B 135 -6.52 -22.55 8.67
CA LYS B 135 -6.24 -21.24 8.10
C LYS B 135 -7.10 -21.05 6.85
N ALA B 136 -7.13 -19.82 6.36
CA ALA B 136 -7.92 -19.51 5.16
C ALA B 136 -7.32 -18.27 4.50
N THR B 137 -6.95 -18.40 3.23
CA THR B 137 -6.40 -17.28 2.46
C THR B 137 -7.17 -17.18 1.15
N LEU B 138 -7.67 -15.99 0.84
CA LEU B 138 -8.21 -15.69 -0.47
C LEU B 138 -7.14 -15.00 -1.29
N VAL B 139 -7.06 -15.35 -2.57
CA VAL B 139 -5.97 -14.93 -3.45
C VAL B 139 -6.56 -14.18 -4.62
N CYS B 140 -6.24 -12.89 -4.73
CA CYS B 140 -6.75 -12.04 -5.80
C CYS B 140 -5.57 -11.64 -6.69
N LEU B 141 -5.56 -12.13 -7.93
CA LEU B 141 -4.44 -11.94 -8.85
C LEU B 141 -4.87 -10.97 -9.95
N ILE B 142 -4.10 -9.91 -10.14
CA ILE B 142 -4.45 -8.80 -11.01
C ILE B 142 -3.37 -8.63 -12.07
N SER B 143 -3.76 -8.59 -13.35
CA SER B 143 -2.78 -8.64 -14.42
C SER B 143 -3.16 -7.72 -15.57
N ASP B 144 -2.13 -7.35 -16.35
CA ASP B 144 -2.26 -6.72 -17.67
C ASP B 144 -2.85 -5.30 -17.61
N PHE B 145 -2.49 -4.52 -16.60
CA PHE B 145 -3.03 -3.16 -16.54
C PHE B 145 -1.95 -2.10 -16.76
N TYR B 146 -2.41 -0.94 -17.23
CA TYR B 146 -1.58 0.25 -17.43
C TYR B 146 -2.46 1.49 -17.39
N PRO B 147 -2.07 2.55 -16.66
CA PRO B 147 -0.83 2.70 -15.86
C PRO B 147 -0.73 1.77 -14.65
N GLY B 148 0.46 1.70 -14.07
CA GLY B 148 0.74 0.74 -13.02
C GLY B 148 0.35 1.19 -11.63
N ALA B 149 -0.96 1.37 -11.40
CA ALA B 149 -1.47 1.68 -10.07
C ALA B 149 -2.92 1.20 -10.00
N VAL B 150 -3.26 0.46 -8.94
CA VAL B 150 -4.61 -0.03 -8.72
C VAL B 150 -4.97 0.14 -7.25
N THR B 151 -6.27 0.07 -6.98
CA THR B 151 -6.79 -0.07 -5.63
C THR B 151 -7.47 -1.42 -5.52
N VAL B 152 -7.16 -2.16 -4.46
CA VAL B 152 -7.82 -3.42 -4.15
C VAL B 152 -8.62 -3.23 -2.88
N ALA B 153 -9.89 -3.62 -2.92
CA ALA B 153 -10.77 -3.54 -1.76
C ALA B 153 -11.44 -4.89 -1.56
N TRP B 154 -11.46 -5.35 -0.31
CA TRP B 154 -12.10 -6.61 0.03
C TRP B 154 -13.40 -6.35 0.76
N LYS B 155 -14.37 -7.25 0.56
CA LYS B 155 -15.67 -7.16 1.21
C LYS B 155 -16.05 -8.52 1.79
N ALA B 156 -16.62 -8.49 2.99
CA ALA B 156 -17.30 -9.65 3.56
C ALA B 156 -18.79 -9.43 3.41
N ASP B 157 -19.45 -10.31 2.65
CA ASP B 157 -20.79 -10.04 2.14
C ASP B 157 -20.75 -8.70 1.40
N SER B 158 -21.36 -7.66 1.97
CA SER B 158 -21.34 -6.33 1.38
C SER B 158 -20.51 -5.34 2.18
N SER B 159 -19.93 -5.74 3.30
CA SER B 159 -19.23 -4.80 4.17
C SER B 159 -17.73 -4.81 3.89
N PRO B 160 -17.09 -3.65 3.89
CA PRO B 160 -15.64 -3.61 3.65
C PRO B 160 -14.88 -4.32 4.77
N VAL B 161 -13.79 -4.99 4.37
CA VAL B 161 -12.87 -5.63 5.30
C VAL B 161 -11.47 -5.16 4.96
N LYS B 162 -10.81 -4.51 5.93
CA LYS B 162 -9.44 -4.07 5.74
C LYS B 162 -8.44 -4.82 6.61
N ALA B 163 -8.88 -5.51 7.64
CA ALA B 163 -7.98 -6.34 8.43
C ALA B 163 -7.54 -7.58 7.65
N GLY B 164 -6.30 -7.98 7.87
CA GLY B 164 -5.79 -9.19 7.24
C GLY B 164 -5.56 -9.10 5.75
N VAL B 165 -5.41 -7.90 5.21
CA VAL B 165 -5.18 -7.68 3.79
C VAL B 165 -3.70 -7.42 3.55
N GLU B 166 -3.13 -8.11 2.56
CA GLU B 166 -1.75 -7.90 2.14
C GLU B 166 -1.74 -7.72 0.63
N THR B 167 -1.36 -6.54 0.16
CA THR B 167 -1.42 -6.20 -1.26
C THR B 167 -0.04 -5.76 -1.72
N THR B 168 0.40 -6.28 -2.86
CA THR B 168 1.69 -5.88 -3.40
C THR B 168 1.63 -4.50 -4.04
N THR B 169 2.78 -3.85 -4.13
CA THR B 169 2.94 -2.77 -5.09
C THR B 169 2.94 -3.40 -6.48
N PRO B 170 2.58 -2.63 -7.52
CA PRO B 170 2.54 -3.23 -8.85
C PRO B 170 3.92 -3.60 -9.37
N SER B 171 3.98 -4.70 -10.09
CA SER B 171 5.18 -5.14 -10.79
C SER B 171 4.97 -4.99 -12.28
N LYS B 172 6.06 -4.85 -13.03
CA LYS B 172 5.95 -4.80 -14.49
C LYS B 172 6.13 -6.21 -15.04
N GLN B 173 5.11 -6.69 -15.77
CA GLN B 173 5.16 -7.98 -16.42
C GLN B 173 6.13 -7.95 -17.60
N SER B 174 6.46 -9.15 -18.09
CA SER B 174 7.37 -9.23 -19.23
C SER B 174 6.80 -8.55 -20.47
N ASN B 175 5.48 -8.45 -20.59
CA ASN B 175 4.86 -7.78 -21.72
C ASN B 175 4.71 -6.27 -21.52
N ASN B 176 5.30 -5.73 -20.45
CA ASN B 176 5.39 -4.31 -20.14
C ASN B 176 4.08 -3.70 -19.65
N LYS B 177 3.05 -4.51 -19.41
CA LYS B 177 1.95 -4.08 -18.58
C LYS B 177 2.25 -4.47 -17.14
N TYR B 178 1.35 -4.14 -16.22
CA TYR B 178 1.61 -4.31 -14.80
C TYR B 178 0.72 -5.38 -14.19
N ALA B 179 1.19 -5.91 -13.06
CA ALA B 179 0.50 -6.92 -12.30
C ALA B 179 0.55 -6.57 -10.82
N ALA B 180 -0.35 -7.17 -10.06
CA ALA B 180 -0.34 -7.05 -8.60
C ALA B 180 -1.11 -8.23 -8.03
N SER B 181 -0.93 -8.46 -6.73
CA SER B 181 -1.68 -9.50 -6.05
C SER B 181 -2.10 -9.00 -4.67
N SER B 182 -3.21 -9.54 -4.19
CA SER B 182 -3.70 -9.19 -2.86
C SER B 182 -4.20 -10.46 -2.18
N TYR B 183 -3.99 -10.54 -0.87
CA TYR B 183 -4.32 -11.72 -0.09
C TYR B 183 -5.15 -11.29 1.11
N LEU B 184 -6.26 -12.01 1.34
CA LEU B 184 -7.09 -11.78 2.51
C LEU B 184 -6.98 -13.01 3.43
N SER B 185 -6.59 -12.76 4.67
CA SER B 185 -6.49 -13.82 5.67
C SER B 185 -7.73 -13.84 6.55
N LEU B 186 -8.33 -15.02 6.68
CA LEU B 186 -9.52 -15.23 7.51
C LEU B 186 -9.33 -16.45 8.38
N THR B 187 -10.13 -16.53 9.45
CA THR B 187 -10.26 -17.82 10.10
C THR B 187 -11.21 -18.70 9.28
N PRO B 188 -11.09 -20.03 9.37
CA PRO B 188 -12.07 -20.88 8.69
C PRO B 188 -13.49 -20.58 9.12
N GLU B 189 -13.69 -20.19 10.38
CA GLU B 189 -15.03 -19.86 10.86
C GLU B 189 -15.59 -18.64 10.15
N GLN B 190 -14.75 -17.62 9.94
CA GLN B 190 -15.18 -16.44 9.19
C GLN B 190 -15.55 -16.82 7.77
N TRP B 191 -14.70 -17.59 7.10
CA TRP B 191 -14.97 -18.00 5.73
C TRP B 191 -16.29 -18.75 5.64
N LYS B 192 -16.58 -19.63 6.59
CA LYS B 192 -17.79 -20.44 6.53
C LYS B 192 -19.04 -19.65 6.89
N SER B 193 -18.91 -18.64 7.76
CA SER B 193 -20.08 -17.98 8.31
C SER B 193 -20.64 -16.86 7.43
N HIS B 194 -19.86 -16.36 6.48
CA HIS B 194 -20.35 -15.31 5.60
C HIS B 194 -20.92 -15.90 4.33
N ARG B 195 -21.82 -15.15 3.68
CA ARG B 195 -22.40 -15.61 2.44
C ARG B 195 -21.36 -15.66 1.33
N SER B 196 -20.46 -14.67 1.29
CA SER B 196 -19.46 -14.59 0.24
C SER B 196 -18.41 -13.55 0.64
N TYR B 197 -17.28 -13.60 -0.07
CA TYR B 197 -16.26 -12.57 0.01
C TYR B 197 -15.95 -12.07 -1.40
N SER B 198 -15.55 -10.81 -1.50
CA SER B 198 -15.31 -10.18 -2.80
C SER B 198 -13.97 -9.47 -2.82
N CYS B 199 -13.33 -9.51 -3.99
CA CYS B 199 -12.17 -8.69 -4.30
C CYS B 199 -12.57 -7.69 -5.38
N GLN B 200 -12.47 -6.40 -5.08
CA GLN B 200 -12.84 -5.33 -6.00
C GLN B 200 -11.60 -4.57 -6.41
N VAL B 201 -11.32 -4.51 -7.71
CA VAL B 201 -10.13 -3.85 -8.25
C VAL B 201 -10.57 -2.61 -9.01
N THR B 202 -10.05 -1.45 -8.63
CA THR B 202 -10.35 -0.18 -9.26
C THR B 202 -9.14 0.30 -10.03
N HIS B 203 -9.34 0.75 -11.27
CA HIS B 203 -8.24 1.21 -12.12
C HIS B 203 -8.82 2.15 -13.16
N GLU B 204 -8.42 3.41 -13.14
CA GLU B 204 -8.92 4.40 -14.09
C GLU B 204 -10.44 4.33 -14.18
N GLY B 205 -10.98 4.10 -15.36
CA GLY B 205 -12.41 3.97 -15.52
C GLY B 205 -12.97 2.57 -15.36
N SER B 206 -12.25 1.68 -14.69
CA SER B 206 -12.68 0.29 -14.53
C SER B 206 -12.83 -0.05 -13.06
N THR B 207 -13.92 -0.74 -12.73
CA THR B 207 -14.05 -1.45 -11.46
C THR B 207 -14.46 -2.87 -11.78
N VAL B 208 -13.67 -3.84 -11.31
CA VAL B 208 -13.94 -5.26 -11.51
C VAL B 208 -14.06 -5.90 -10.14
N GLU B 209 -15.18 -6.56 -9.89
CA GLU B 209 -15.43 -7.22 -8.61
C GLU B 209 -15.69 -8.69 -8.84
N LYS B 210 -14.84 -9.54 -8.26
CA LYS B 210 -15.02 -10.99 -8.27
C LYS B 210 -15.41 -11.46 -6.88
N THR B 211 -16.25 -12.48 -6.81
CA THR B 211 -16.83 -12.92 -5.55
C THR B 211 -16.77 -14.44 -5.47
N VAL B 212 -16.40 -14.97 -4.31
CA VAL B 212 -16.37 -16.41 -4.08
C VAL B 212 -17.16 -16.72 -2.80
N ALA B 213 -17.65 -17.94 -2.73
CA ALA B 213 -18.48 -18.39 -1.62
C ALA B 213 -18.10 -19.80 -1.22
N PRO B 214 -18.26 -20.16 0.07
CA PRO B 214 -17.95 -21.51 0.54
C PRO B 214 -18.72 -22.60 -0.21
S SO4 C . 5.58 -5.59 -1.82
O1 SO4 C . 6.93 -6.13 -1.84
O2 SO4 C . 5.61 -4.24 -1.26
O3 SO4 C . 4.75 -6.43 -0.95
O4 SO4 C . 5.04 -5.53 -3.16
S SO4 D . -12.08 -4.22 9.28
O1 SO4 D . -12.04 -3.25 8.19
O2 SO4 D . -11.22 -3.75 10.36
O3 SO4 D . -11.59 -5.51 8.81
O4 SO4 D . -13.45 -4.38 9.77
#